data_4FE9
#
_entry.id   4FE9
#
_cell.length_a   188.694
_cell.length_b   49.148
_cell.length_c   83.618
_cell.angle_alpha   90.00
_cell.angle_beta   97.36
_cell.angle_gamma   90.00
#
_symmetry.space_group_name_H-M   'C 1 2 1'
#
loop_
_entity.id
_entity.type
_entity.pdbx_description
1 polymer 'Outer membrane protein SusF'
2 branched 'Cyclic alpha-D-glucopyranose-(1-4)-alpha-D-glucopyranose-(1-4)-alpha-D-glucopyranose-(1-4)-alpha-D-glucopyranose-(1-4)-alpha-D-glucopyranose-(1-4)-alpha-D-glucopyranose-(1-3)-alpha-D-glucopyranose'
3 branched alpha-D-glucopyranose-(1-4)-alpha-D-glucopyranose-(1-4)-alpha-D-glucopyranose-(1-4)-alpha-D-glucopyranose
4 non-polymer 1,2-ETHANEDIOL
5 non-polymer 'SODIUM ION'
6 non-polymer 'PHOSPHATE ION'
7 non-polymer GLYCEROL
8 water water
#
_entity_poly.entity_id   1
_entity_poly.type   'polypeptide(L)'
_entity_poly.pdbx_seq_one_letter_code
;GHMASNEDFKDWADPQSNPQEESAGQLTATFTAGKDASIVMDAATADSVEIAKLSSTTAEEGSKIAVNSLTLNENHTIPF
SMTEDHVFKVALAQLDSVTQEAYKSRASVVRELKISINASAVTPSGEGIQLVGNEVSITLQPATTPAVDPDGYYIVGDFT
GWDGNSAQQMKKDALDENLYILEAEIESTSNFKIFPASAINGNDIDWTKALGSSVDGDDSGDNFVSWTNAGAINTALDGK
IKISFDAFNYRFTVKDNSAPTELYMTGSAYNWGTPAGDPNAWKALVPVNGTKGTFWGIFYFAANDQVKFAPQANWGNDFG
FVDAISQESKDLAGLSDEGGNLKVGIAGWYLVYVSVIGDDKVIEFEKPNVYLMGDTSYNGWDAQLVEQDLFTVPGTADGE
FVSPAFLKDGAVRICVNPKAVSAGDWWKTEFIIFDGQIAYRGNGGDQAAVQGKTGQKVYLNFGNGTGRIE
;
_entity_poly.pdbx_strand_id   A
#
# COMPACT_ATOMS: atom_id res chain seq x y z
N GLY A 25 -45.85 -16.57 -8.25
CA GLY A 25 -45.68 -17.90 -8.95
C GLY A 25 -44.30 -18.54 -8.71
N GLN A 26 -43.65 -18.18 -7.58
CA GLN A 26 -42.20 -18.32 -7.41
C GLN A 26 -41.77 -19.68 -6.75
N LEU A 27 -40.68 -20.26 -7.24
CA LEU A 27 -40.26 -21.59 -6.77
C LEU A 27 -39.09 -21.49 -5.82
N THR A 28 -39.04 -22.40 -4.84
CA THR A 28 -37.92 -22.41 -3.93
C THR A 28 -37.10 -23.69 -3.99
N ALA A 29 -35.85 -23.60 -3.60
CA ALA A 29 -35.02 -24.79 -3.43
C ALA A 29 -34.33 -24.72 -2.09
N THR A 30 -34.01 -25.88 -1.53
CA THR A 30 -33.24 -25.92 -0.30
C THR A 30 -32.00 -26.70 -0.53
N PHE A 31 -30.88 -26.03 -0.32
CA PHE A 31 -29.56 -26.65 -0.39
C PHE A 31 -29.03 -26.94 1.00
N THR A 32 -28.20 -27.99 1.10
CA THR A 32 -27.45 -28.28 2.33
C THR A 32 -25.98 -28.51 2.01
N ALA A 33 -25.10 -28.29 2.99
CA ALA A 33 -23.66 -28.54 2.80
C ALA A 33 -23.41 -30.02 2.55
N GLY A 34 -22.53 -30.33 1.60
CA GLY A 34 -22.22 -31.71 1.23
C GLY A 34 -21.48 -32.43 2.36
N LYS A 35 -21.22 -33.70 2.16
CA LYS A 35 -20.51 -34.49 3.19
C LYS A 35 -19.02 -34.10 3.37
N ASP A 36 -18.44 -33.39 2.39
CA ASP A 36 -17.08 -32.90 2.57
C ASP A 36 -17.09 -31.45 3.03
N ALA A 37 -17.52 -31.22 4.27
CA ALA A 37 -17.83 -29.86 4.74
C ALA A 37 -16.64 -29.20 5.45
N SER A 38 -15.64 -30.01 5.83
CA SER A 38 -14.54 -29.53 6.64
C SER A 38 -13.25 -30.15 6.15
N ILE A 39 -12.68 -29.58 5.09
CA ILE A 39 -11.62 -30.23 4.35
C ILE A 39 -10.22 -29.79 4.89
N VAL A 40 -9.35 -30.76 5.17
CA VAL A 40 -7.97 -30.47 5.59
C VAL A 40 -7.03 -31.00 4.52
N MET A 41 -6.41 -30.10 3.78
CA MET A 41 -5.74 -30.52 2.54
C MET A 41 -4.60 -31.50 2.89
N ASP A 42 -3.93 -31.27 4.01
CA ASP A 42 -2.83 -32.17 4.43
C ASP A 42 -3.33 -33.59 4.41
N ALA A 43 -4.57 -33.81 4.89
CA ALA A 43 -5.09 -35.15 5.13
C ALA A 43 -5.95 -35.67 3.95
N ALA A 44 -6.18 -34.83 2.95
CA ALA A 44 -7.25 -35.12 1.99
C ALA A 44 -6.81 -36.26 1.10
N THR A 45 -7.71 -37.19 0.86
CA THR A 45 -7.39 -38.38 0.06
C THR A 45 -8.08 -38.41 -1.35
N ALA A 46 -9.24 -37.80 -1.47
CA ALA A 46 -10.01 -37.91 -2.71
C ALA A 46 -9.63 -36.79 -3.69
N ASP A 47 -9.76 -37.01 -4.98
CA ASP A 47 -9.49 -35.91 -5.91
C ASP A 47 -10.72 -35.08 -6.30
N SER A 48 -11.90 -35.56 -5.97
CA SER A 48 -13.09 -34.73 -6.03
C SER A 48 -13.86 -34.79 -4.71
N VAL A 49 -14.56 -33.70 -4.38
CA VAL A 49 -15.32 -33.62 -3.12
C VAL A 49 -16.74 -33.17 -3.40
N GLU A 50 -17.67 -33.60 -2.55
CA GLU A 50 -19.05 -33.17 -2.60
C GLU A 50 -19.22 -32.03 -1.68
N ILE A 51 -19.59 -30.88 -2.23
CA ILE A 51 -19.62 -29.68 -1.41
C ILE A 51 -21.03 -29.18 -1.05
N ALA A 52 -22.04 -29.67 -1.76
CA ALA A 52 -23.38 -29.24 -1.53
C ALA A 52 -24.38 -30.24 -2.14
N LYS A 53 -25.63 -30.15 -1.71
CA LYS A 53 -26.67 -31.06 -2.18
C LYS A 53 -27.97 -30.28 -2.28
N LEU A 54 -28.71 -30.47 -3.38
CA LEU A 54 -30.09 -30.00 -3.45
C LEU A 54 -31.00 -30.97 -2.74
N SER A 55 -31.56 -30.53 -1.62
CA SER A 55 -32.28 -31.45 -0.76
C SER A 55 -33.74 -31.51 -1.12
N SER A 56 -34.32 -30.35 -1.45
CA SER A 56 -35.71 -30.30 -1.84
C SER A 56 -35.99 -29.07 -2.67
N THR A 57 -37.10 -29.08 -3.34
CA THR A 57 -37.53 -27.94 -4.13
C THR A 57 -39.04 -27.97 -4.19
N THR A 58 -39.66 -26.80 -4.41
CA THR A 58 -41.07 -26.79 -4.70
C THR A 58 -41.40 -26.95 -6.17
N ALA A 59 -40.39 -27.26 -6.98
CA ALA A 59 -40.63 -27.57 -8.41
C ALA A 59 -41.30 -28.93 -8.54
N GLU A 60 -42.10 -29.10 -9.59
CA GLU A 60 -42.87 -30.32 -9.80
C GLU A 60 -41.96 -31.53 -10.04
N GLU A 61 -42.43 -32.70 -9.62
CA GLU A 61 -41.77 -33.94 -9.97
C GLU A 61 -41.64 -34.05 -11.52
N GLY A 62 -40.51 -34.56 -11.98
CA GLY A 62 -40.30 -34.66 -13.44
C GLY A 62 -39.40 -33.55 -13.99
N SER A 63 -39.33 -32.42 -13.29
CA SER A 63 -38.40 -31.33 -13.67
C SER A 63 -36.92 -31.76 -13.63
N LYS A 64 -36.16 -31.31 -14.60
CA LYS A 64 -34.72 -31.36 -14.53
C LYS A 64 -34.19 -30.13 -13.81
N ILE A 65 -32.97 -30.22 -13.30
CA ILE A 65 -32.31 -29.09 -12.64
C ILE A 65 -31.16 -28.62 -13.51
N ALA A 66 -31.14 -27.32 -13.82
CA ALA A 66 -29.98 -26.71 -14.49
C ALA A 66 -29.32 -25.75 -13.56
N VAL A 67 -28.00 -25.68 -13.62
CA VAL A 67 -27.27 -24.76 -12.74
C VAL A 67 -26.79 -23.57 -13.49
N ASN A 68 -27.40 -22.41 -13.20
CA ASN A 68 -27.09 -21.13 -13.90
C ASN A 68 -25.78 -20.55 -13.38
N SER A 69 -25.51 -20.70 -12.10
CA SER A 69 -24.18 -20.31 -11.59
C SER A 69 -23.89 -20.93 -10.25
N LEU A 70 -22.64 -21.29 -10.04
CA LEU A 70 -22.18 -21.74 -8.72
C LEU A 70 -20.99 -20.90 -8.31
N THR A 71 -21.16 -20.07 -7.30
CA THR A 71 -20.11 -19.17 -6.95
C THR A 71 -19.59 -19.44 -5.55
N LEU A 72 -18.32 -19.09 -5.29
CA LEU A 72 -17.74 -19.20 -3.95
C LEU A 72 -17.34 -17.82 -3.45
N ASN A 73 -17.73 -17.51 -2.22
CA ASN A 73 -17.55 -16.16 -1.69
C ASN A 73 -17.91 -15.06 -2.70
N GLU A 74 -19.03 -15.23 -3.36
CA GLU A 74 -19.66 -14.15 -4.15
C GLU A 74 -19.10 -13.93 -5.56
N ASN A 75 -17.80 -14.00 -5.75
CA ASN A 75 -17.31 -13.71 -7.09
C ASN A 75 -16.30 -14.64 -7.66
N HIS A 76 -16.26 -15.87 -7.18
CA HIS A 76 -15.33 -16.83 -7.75
C HIS A 76 -16.10 -18.00 -8.30
N THR A 77 -15.76 -18.42 -9.49
CA THR A 77 -16.37 -19.61 -10.06
C THR A 77 -15.35 -20.74 -10.05
N ILE A 78 -15.84 -21.93 -10.34
CA ILE A 78 -15.07 -23.15 -10.27
C ILE A 78 -15.82 -24.14 -11.18
N PRO A 79 -15.09 -24.93 -11.99
CA PRO A 79 -15.68 -26.08 -12.65
C PRO A 79 -16.41 -27.00 -11.64
N PHE A 80 -17.54 -27.57 -12.06
CA PHE A 80 -18.31 -28.41 -11.13
C PHE A 80 -19.09 -29.41 -11.91
N SER A 81 -19.50 -30.49 -11.26
CA SER A 81 -20.45 -31.41 -11.85
C SER A 81 -21.55 -31.70 -10.84
N MET A 82 -22.67 -32.25 -11.30
CA MET A 82 -23.81 -32.49 -10.43
C MET A 82 -24.34 -33.89 -10.67
N THR A 83 -24.46 -34.71 -9.62
CA THR A 83 -24.76 -36.13 -9.84
C THR A 83 -26.27 -36.31 -10.08
N GLU A 84 -26.68 -37.56 -10.30
CA GLU A 84 -28.10 -37.84 -10.58
C GLU A 84 -28.95 -37.53 -9.36
N ASP A 85 -28.34 -37.62 -8.19
CA ASP A 85 -28.99 -37.31 -6.94
C ASP A 85 -28.80 -35.84 -6.51
N HIS A 86 -28.35 -35.01 -7.45
CA HIS A 86 -28.24 -33.57 -7.21
C HIS A 86 -27.25 -33.24 -6.09
N VAL A 87 -26.16 -33.98 -6.06
CA VAL A 87 -24.98 -33.59 -5.29
C VAL A 87 -23.96 -32.88 -6.17
N PHE A 88 -23.45 -31.75 -5.69
CA PHE A 88 -22.49 -30.92 -6.43
C PHE A 88 -21.06 -31.27 -6.08
N LYS A 89 -20.30 -31.61 -7.10
CA LYS A 89 -18.89 -32.07 -6.93
C LYS A 89 -17.93 -31.09 -7.59
N VAL A 90 -16.75 -30.92 -6.98
CA VAL A 90 -15.68 -30.17 -7.59
C VAL A 90 -14.39 -30.96 -7.43
N ALA A 91 -13.39 -30.65 -8.27
CA ALA A 91 -12.06 -31.23 -8.11
C ALA A 91 -11.39 -30.57 -6.89
N LEU A 92 -10.92 -31.39 -5.97
CA LEU A 92 -10.32 -30.86 -4.75
C LEU A 92 -9.19 -29.86 -5.06
N ALA A 93 -8.33 -30.20 -6.00
CA ALA A 93 -7.20 -29.30 -6.32
C ALA A 93 -7.70 -27.91 -6.74
N GLN A 94 -8.84 -27.85 -7.44
CA GLN A 94 -9.30 -26.54 -7.92
C GLN A 94 -10.04 -25.80 -6.83
N LEU A 95 -10.69 -26.53 -5.92
CA LEU A 95 -11.31 -25.91 -4.76
C LEU A 95 -10.23 -25.27 -3.86
N ASP A 96 -9.17 -26.01 -3.64
CA ASP A 96 -8.00 -25.53 -2.91
C ASP A 96 -7.39 -24.29 -3.57
N SER A 97 -7.20 -24.35 -4.89
CA SER A 97 -6.75 -23.19 -5.67
CA SER A 97 -6.74 -23.19 -5.64
C SER A 97 -7.67 -21.99 -5.54
N VAL A 98 -8.96 -22.22 -5.65
CA VAL A 98 -9.88 -21.12 -5.61
C VAL A 98 -9.92 -20.50 -4.19
N THR A 99 -9.76 -21.34 -3.16
CA THR A 99 -9.78 -20.88 -1.78
C THR A 99 -8.57 -19.93 -1.55
N GLN A 100 -7.42 -20.29 -2.13
CA GLN A 100 -6.18 -19.55 -1.86
C GLN A 100 -6.20 -18.21 -2.61
N GLU A 101 -6.77 -18.21 -3.81
CA GLU A 101 -7.06 -16.95 -4.52
C GLU A 101 -8.03 -16.03 -3.80
N ALA A 102 -9.18 -16.57 -3.38
CA ALA A 102 -10.13 -15.78 -2.63
C ALA A 102 -9.49 -15.03 -1.48
N TYR A 103 -8.61 -15.73 -0.73
CA TYR A 103 -8.03 -15.13 0.47
C TYR A 103 -6.66 -14.52 0.22
N LYS A 104 -6.21 -14.55 -1.04
CA LYS A 104 -4.82 -14.14 -1.42
C LYS A 104 -3.77 -14.72 -0.47
N SER A 105 -3.87 -16.00 -0.15
CA SER A 105 -3.03 -16.58 0.88
C SER A 105 -2.94 -18.09 0.77
N ARG A 106 -1.71 -18.61 0.89
CA ARG A 106 -1.52 -20.02 1.05
C ARG A 106 -1.46 -20.45 2.49
N ALA A 107 -1.72 -19.53 3.41
CA ALA A 107 -1.53 -19.82 4.85
C ALA A 107 -2.36 -21.07 5.22
N SER A 108 -1.83 -21.94 6.11
CA SER A 108 -2.55 -23.14 6.47
C SER A 108 -3.56 -22.89 7.60
N VAL A 109 -4.56 -22.08 7.28
CA VAL A 109 -5.58 -21.63 8.23
C VAL A 109 -6.96 -22.13 7.72
N VAL A 110 -7.87 -22.43 8.64
CA VAL A 110 -9.25 -22.82 8.23
C VAL A 110 -10.01 -21.66 7.54
N ARG A 111 -10.34 -21.83 6.26
CA ARG A 111 -10.97 -20.76 5.49
C ARG A 111 -12.43 -21.11 5.24
N GLU A 112 -13.29 -20.15 5.48
CA GLU A 112 -14.70 -20.32 5.17
C GLU A 112 -15.01 -20.05 3.67
N LEU A 113 -15.83 -20.92 3.09
CA LEU A 113 -16.33 -20.75 1.76
C LEU A 113 -17.88 -20.74 1.81
N LYS A 114 -18.45 -19.66 1.32
CA LYS A 114 -19.87 -19.53 1.16
C LYS A 114 -20.25 -19.89 -0.30
N ILE A 115 -21.05 -20.92 -0.45
CA ILE A 115 -21.43 -21.46 -1.76
C ILE A 115 -22.82 -21.00 -2.14
N SER A 116 -22.91 -20.31 -3.26
CA SER A 116 -24.19 -19.80 -3.76
CA SER A 116 -24.20 -19.86 -3.74
C SER A 116 -24.52 -20.49 -5.07
N ILE A 117 -25.57 -21.33 -5.08
CA ILE A 117 -26.00 -22.02 -6.31
C ILE A 117 -27.30 -21.43 -6.86
N ASN A 118 -27.23 -20.89 -8.05
CA ASN A 118 -28.40 -20.35 -8.71
C ASN A 118 -28.88 -21.39 -9.73
N ALA A 119 -29.98 -22.07 -9.39
CA ALA A 119 -30.48 -23.13 -10.24
C ALA A 119 -31.84 -22.79 -10.86
N SER A 120 -32.21 -23.53 -11.92
CA SER A 120 -33.53 -23.47 -12.51
C SER A 120 -34.10 -24.85 -12.71
N ALA A 121 -35.41 -24.95 -12.70
CA ALA A 121 -36.09 -26.21 -13.03
C ALA A 121 -36.37 -26.19 -14.53
N VAL A 122 -36.18 -27.30 -15.20
CA VAL A 122 -36.37 -27.36 -16.63
C VAL A 122 -37.54 -28.32 -17.01
N THR A 123 -38.51 -27.79 -17.74
CA THR A 123 -39.73 -28.54 -18.08
C THR A 123 -39.48 -29.40 -19.34
N PRO A 124 -40.51 -30.17 -19.78
CA PRO A 124 -40.29 -31.01 -20.98
C PRO A 124 -40.31 -30.19 -22.28
N SER A 125 -40.69 -28.91 -22.16
CA SER A 125 -40.62 -28.00 -23.29
C SER A 125 -39.26 -27.26 -23.36
N GLY A 126 -38.45 -27.39 -22.29
CA GLY A 126 -37.16 -26.74 -22.25
C GLY A 126 -37.13 -25.44 -21.48
N GLU A 127 -38.26 -25.05 -20.93
CA GLU A 127 -38.36 -23.75 -20.25
C GLU A 127 -37.68 -23.85 -18.89
N GLY A 128 -36.83 -22.88 -18.60
CA GLY A 128 -36.16 -22.80 -17.30
C GLY A 128 -36.94 -21.88 -16.37
N ILE A 129 -37.31 -22.39 -15.20
CA ILE A 129 -37.96 -21.56 -14.20
C ILE A 129 -37.05 -21.42 -13.00
N GLN A 130 -36.83 -20.17 -12.60
CA GLN A 130 -35.85 -19.80 -11.57
C GLN A 130 -36.20 -20.44 -10.20
N LEU A 131 -35.22 -21.08 -9.57
CA LEU A 131 -35.36 -21.48 -8.13
C LEU A 131 -34.69 -20.49 -7.20
N VAL A 132 -35.43 -20.03 -6.19
CA VAL A 132 -34.81 -19.20 -5.15
C VAL A 132 -34.36 -20.08 -3.96
N GLY A 133 -33.05 -20.19 -3.78
CA GLY A 133 -32.51 -21.10 -2.78
C GLY A 133 -31.65 -20.36 -1.78
N ASN A 134 -31.13 -21.09 -0.79
CA ASN A 134 -30.29 -20.47 0.24
C ASN A 134 -28.81 -20.67 -0.12
N GLU A 135 -27.91 -19.99 0.59
CA GLU A 135 -26.48 -20.32 0.57
C GLU A 135 -26.10 -21.36 1.64
N VAL A 136 -24.98 -22.06 1.42
CA VAL A 136 -24.45 -22.97 2.42
C VAL A 136 -22.93 -22.74 2.58
N SER A 137 -22.34 -23.33 3.64
CA SER A 137 -20.96 -23.01 4.10
C SER A 137 -20.20 -24.29 4.16
N ILE A 138 -18.94 -24.26 3.72
CA ILE A 138 -17.98 -25.25 4.11
C ILE A 138 -16.67 -24.53 4.46
N THR A 139 -15.71 -25.28 4.97
CA THR A 139 -14.37 -24.75 5.20
C THR A 139 -13.31 -25.66 4.65
N LEU A 140 -12.16 -25.07 4.34
CA LEU A 140 -11.04 -25.80 3.78
C LEU A 140 -9.75 -25.20 4.35
N GLN A 141 -8.84 -26.07 4.72
CA GLN A 141 -7.55 -25.61 5.24
C GLN A 141 -6.47 -26.01 4.28
N PRO A 142 -5.80 -25.03 3.68
CA PRO A 142 -4.73 -25.34 2.75
C PRO A 142 -3.61 -26.09 3.47
N ALA A 143 -2.77 -26.76 2.70
CA ALA A 143 -1.74 -27.64 3.26
C ALA A 143 -0.70 -26.81 3.99
N THR A 144 -0.04 -27.46 4.93
CA THR A 144 1.01 -26.85 5.73
C THR A 144 2.06 -26.19 4.85
N THR A 145 2.38 -24.96 5.15
CA THR A 145 3.42 -24.26 4.37
C THR A 145 4.80 -24.58 4.92
N PRO A 146 5.86 -24.32 4.11
CA PRO A 146 7.20 -24.53 4.67
C PRO A 146 7.40 -23.81 6.00
N ALA A 147 8.24 -24.37 6.84
CA ALA A 147 8.70 -23.68 8.05
C ALA A 147 9.45 -22.37 7.68
N VAL A 148 9.34 -21.37 8.53
CA VAL A 148 10.15 -20.17 8.39
C VAL A 148 11.62 -20.47 8.70
N ASP A 149 12.51 -20.12 7.77
CA ASP A 149 13.95 -20.41 7.98
C ASP A 149 14.49 -19.42 9.02
N PRO A 150 15.07 -19.94 10.13
CA PRO A 150 15.54 -19.03 11.23
C PRO A 150 16.65 -18.06 10.77
N ASP A 151 17.35 -18.42 9.71
CA ASP A 151 18.41 -17.57 9.18
C ASP A 151 17.97 -16.77 7.95
N GLY A 152 16.68 -16.76 7.64
CA GLY A 152 16.16 -15.81 6.64
C GLY A 152 16.17 -16.35 5.21
N TYR A 153 16.10 -15.44 4.24
CA TYR A 153 15.92 -15.80 2.83
C TYR A 153 16.87 -15.01 1.94
N TYR A 154 17.25 -15.62 0.82
CA TYR A 154 18.15 -14.99 -0.14
C TYR A 154 17.51 -14.94 -1.55
N ILE A 155 17.80 -13.89 -2.31
CA ILE A 155 17.50 -13.88 -3.75
C ILE A 155 18.73 -14.26 -4.56
N VAL A 156 18.51 -15.11 -5.55
CA VAL A 156 19.52 -15.47 -6.52
C VAL A 156 18.82 -15.37 -7.92
N GLY A 157 19.46 -14.71 -8.88
CA GLY A 157 18.91 -14.61 -10.23
C GLY A 157 19.90 -14.15 -11.27
N ASP A 158 19.38 -13.82 -12.46
CA ASP A 158 20.24 -13.36 -13.58
C ASP A 158 21.03 -12.15 -13.12
N PHE A 159 20.43 -11.31 -12.27
CA PHE A 159 21.05 -10.06 -11.89
C PHE A 159 22.15 -10.20 -10.86
N THR A 160 22.13 -11.30 -10.11
CA THR A 160 23.18 -11.56 -9.15
C THR A 160 24.24 -12.48 -9.75
N GLY A 161 23.81 -13.43 -10.58
CA GLY A 161 24.60 -14.65 -10.82
C GLY A 161 24.04 -15.82 -10.03
N TRP A 162 23.85 -16.95 -10.70
CA TRP A 162 23.19 -18.08 -10.08
C TRP A 162 24.19 -18.90 -9.22
N ASP A 163 24.68 -18.32 -8.12
CA ASP A 163 25.53 -19.08 -7.20
C ASP A 163 25.51 -18.57 -5.73
N GLY A 164 25.94 -19.41 -4.81
CA GLY A 164 25.82 -19.09 -3.41
C GLY A 164 26.51 -17.77 -3.06
N ASN A 165 27.72 -17.56 -3.59
CA ASN A 165 28.49 -16.34 -3.24
C ASN A 165 27.80 -15.07 -3.64
N SER A 166 26.99 -15.12 -4.70
CA SER A 166 26.32 -13.88 -5.21
C SER A 166 24.94 -13.64 -4.59
N ALA A 167 24.45 -14.61 -3.82
CA ALA A 167 23.06 -14.51 -3.27
C ALA A 167 22.90 -13.27 -2.41
N GLN A 168 21.81 -12.55 -2.59
CA GLN A 168 21.59 -11.34 -1.83
C GLN A 168 20.54 -11.54 -0.74
N GLN A 169 20.88 -11.20 0.50
CA GLN A 169 19.96 -11.45 1.62
C GLN A 169 18.81 -10.47 1.63
N MET A 170 17.62 -10.99 1.86
CA MET A 170 16.42 -10.17 2.04
C MET A 170 16.36 -9.57 3.46
N LYS A 171 15.88 -8.33 3.57
CA LYS A 171 15.72 -7.66 4.88
C LYS A 171 14.37 -7.99 5.48
N LYS A 172 14.38 -8.50 6.72
CA LYS A 172 13.14 -8.71 7.45
C LYS A 172 12.56 -7.41 7.93
N ASP A 173 11.36 -7.08 7.47
CA ASP A 173 10.71 -5.85 7.87
C ASP A 173 10.58 -5.73 9.39
N ALA A 174 10.83 -4.52 9.90
CA ALA A 174 10.72 -4.22 11.33
C ALA A 174 9.26 -4.30 11.87
N LEU A 175 8.31 -3.83 11.07
CA LEU A 175 6.90 -3.80 11.49
C LEU A 175 6.21 -5.15 11.35
N ASP A 176 6.33 -5.76 10.16
CA ASP A 176 5.71 -7.06 9.87
C ASP A 176 6.76 -8.18 9.71
N GLU A 177 6.81 -9.09 10.68
CA GLU A 177 7.92 -10.07 10.76
C GLU A 177 7.81 -11.20 9.73
N ASN A 178 6.72 -11.24 8.98
CA ASN A 178 6.53 -12.24 7.94
C ASN A 178 7.05 -11.77 6.62
N LEU A 179 7.36 -10.49 6.55
CA LEU A 179 7.67 -9.83 5.31
C LEU A 179 9.19 -9.63 5.10
N TYR A 180 9.70 -10.12 3.97
CA TYR A 180 11.09 -9.96 3.58
C TYR A 180 11.19 -9.16 2.30
N ILE A 181 12.21 -8.31 2.22
CA ILE A 181 12.30 -7.29 1.18
C ILE A 181 13.70 -7.33 0.59
N LEU A 182 13.80 -7.07 -0.72
CA LEU A 182 15.06 -6.72 -1.32
C LEU A 182 14.86 -5.60 -2.31
N GLU A 183 15.61 -4.53 -2.14
CA GLU A 183 15.68 -3.49 -3.12
C GLU A 183 16.90 -3.71 -3.98
N ALA A 184 16.75 -3.61 -5.28
CA ALA A 184 17.87 -3.79 -6.17
C ALA A 184 17.70 -2.85 -7.33
N GLU A 185 18.76 -2.66 -8.10
CA GLU A 185 18.63 -1.93 -9.33
C GLU A 185 19.29 -2.72 -10.44
N ILE A 186 18.54 -2.98 -11.51
CA ILE A 186 19.02 -3.93 -12.52
C ILE A 186 18.99 -3.33 -13.93
N GLU A 187 19.88 -3.84 -14.79
CA GLU A 187 20.05 -3.32 -16.17
C GLU A 187 19.02 -3.84 -17.14
N SER A 188 18.50 -5.03 -16.89
CA SER A 188 17.40 -5.58 -17.72
C SER A 188 16.54 -6.45 -16.84
N THR A 189 15.39 -6.89 -17.35
CA THR A 189 14.53 -7.79 -16.53
C THR A 189 15.29 -9.05 -16.16
N SER A 190 14.91 -9.66 -15.04
CA SER A 190 15.67 -10.76 -14.56
C SER A 190 14.77 -11.85 -14.04
N ASN A 191 15.10 -13.09 -14.38
CA ASN A 191 14.59 -14.26 -13.65
C ASN A 191 15.29 -14.38 -12.30
N PHE A 192 14.54 -14.80 -11.29
CA PHE A 192 15.15 -15.10 -10.01
C PHE A 192 14.38 -16.15 -9.21
N LYS A 193 15.03 -16.71 -8.22
CA LYS A 193 14.35 -17.52 -7.20
C LYS A 193 14.66 -17.00 -5.78
N ILE A 194 13.86 -17.45 -4.80
CA ILE A 194 14.09 -17.17 -3.42
C ILE A 194 14.55 -18.43 -2.72
N PHE A 195 15.62 -18.34 -1.97
CA PHE A 195 16.11 -19.53 -1.27
C PHE A 195 16.08 -19.28 0.21
N PRO A 196 15.58 -20.25 1.00
CA PRO A 196 15.84 -20.22 2.42
C PRO A 196 17.36 -20.33 2.68
N ALA A 197 17.83 -19.68 3.73
CA ALA A 197 19.25 -19.71 4.10
C ALA A 197 19.84 -21.12 4.18
N SER A 198 19.02 -22.10 4.58
CA SER A 198 19.52 -23.46 4.75
C SER A 198 19.78 -24.17 3.39
N ALA A 199 19.28 -23.58 2.29
CA ALA A 199 19.53 -24.14 0.95
C ALA A 199 20.93 -23.77 0.40
N ILE A 200 21.61 -22.87 1.08
CA ILE A 200 22.81 -22.24 0.51
C ILE A 200 24.01 -22.51 1.41
N ASN A 201 24.97 -23.26 0.91
CA ASN A 201 26.15 -23.62 1.71
C ASN A 201 27.45 -23.23 0.98
N GLY A 202 28.09 -22.15 1.44
CA GLY A 202 29.17 -21.55 0.66
C GLY A 202 28.67 -21.07 -0.70
N ASN A 203 29.36 -21.46 -1.77
CA ASN A 203 28.93 -21.10 -3.10
C ASN A 203 27.81 -22.02 -3.62
N ASP A 204 27.57 -23.13 -2.93
CA ASP A 204 26.65 -24.16 -3.43
C ASP A 204 25.19 -23.85 -3.06
N ILE A 205 24.28 -24.06 -4.02
CA ILE A 205 22.86 -23.87 -3.81
C ILE A 205 22.14 -25.20 -4.09
N ASP A 206 21.29 -25.63 -3.17
CA ASP A 206 20.48 -26.82 -3.38
C ASP A 206 19.24 -26.43 -4.16
N TRP A 207 19.31 -26.62 -5.46
CA TRP A 207 18.24 -26.19 -6.36
C TRP A 207 16.89 -26.80 -6.02
N THR A 208 16.89 -28.01 -5.47
CA THR A 208 15.62 -28.63 -5.07
C THR A 208 14.90 -27.85 -3.95
N LYS A 209 15.56 -26.85 -3.37
CA LYS A 209 14.96 -26.17 -2.24
C LYS A 209 14.45 -24.80 -2.58
N ALA A 210 14.39 -24.48 -3.87
CA ALA A 210 13.91 -23.16 -4.32
C ALA A 210 12.50 -22.83 -3.88
N LEU A 211 12.28 -21.56 -3.60
CA LEU A 211 10.96 -21.01 -3.66
C LEU A 211 10.83 -20.13 -4.89
N GLY A 212 9.69 -20.20 -5.55
CA GLY A 212 9.52 -19.46 -6.82
C GLY A 212 8.10 -19.36 -7.24
N SER A 213 7.85 -19.39 -8.53
CA SER A 213 6.46 -19.31 -8.99
C SER A 213 6.03 -20.62 -9.58
N SER A 214 4.72 -20.78 -9.76
CA SER A 214 4.17 -21.96 -10.41
C SER A 214 4.68 -22.10 -11.84
N VAL A 215 4.66 -21.00 -12.58
CA VAL A 215 5.09 -20.98 -13.97
C VAL A 215 6.51 -20.42 -14.07
N ASP A 216 7.40 -21.14 -14.75
CA ASP A 216 8.76 -20.65 -15.00
C ASP A 216 8.73 -19.39 -15.86
N GLY A 217 9.25 -18.30 -15.31
CA GLY A 217 9.33 -17.05 -16.03
C GLY A 217 8.10 -16.18 -15.82
N ASP A 218 7.25 -16.55 -14.84
CA ASP A 218 6.06 -15.74 -14.48
C ASP A 218 6.41 -14.25 -14.49
N ASP A 219 5.63 -13.45 -15.19
CA ASP A 219 5.92 -12.02 -15.27
C ASP A 219 4.80 -11.19 -14.75
N SER A 220 4.00 -11.76 -13.85
CA SER A 220 2.81 -11.06 -13.33
C SER A 220 3.20 -9.95 -12.37
N GLY A 221 4.35 -10.09 -11.71
CA GLY A 221 4.79 -9.12 -10.71
C GLY A 221 4.08 -9.26 -9.35
N ASP A 222 3.19 -10.23 -9.24
CA ASP A 222 2.29 -10.29 -8.06
C ASP A 222 1.55 -11.62 -8.09
N ASN A 223 2.04 -12.59 -7.33
CA ASN A 223 1.50 -13.94 -7.40
C ASN A 223 1.86 -14.80 -6.19
N PHE A 224 1.51 -16.07 -6.26
CA PHE A 224 1.81 -17.00 -5.20
C PHE A 224 3.22 -17.51 -5.30
N VAL A 225 3.79 -17.87 -4.18
CA VAL A 225 5.05 -18.60 -4.16
C VAL A 225 4.81 -20.08 -4.14
N SER A 226 5.61 -20.82 -4.88
CA SER A 226 5.52 -22.25 -4.91
C SER A 226 6.78 -22.87 -4.29
N TRP A 227 6.62 -24.00 -3.62
CA TRP A 227 7.73 -24.73 -3.05
C TRP A 227 7.87 -26.08 -3.65
N THR A 228 7.17 -26.32 -4.75
CA THR A 228 7.20 -27.63 -5.37
C THR A 228 7.60 -27.57 -6.84
N ASN A 229 8.81 -28.01 -7.13
CA ASN A 229 9.42 -27.78 -8.45
C ASN A 229 9.31 -26.34 -8.94
N ALA A 230 9.61 -25.38 -8.08
CA ALA A 230 9.31 -23.98 -8.36
C ALA A 230 10.06 -23.53 -9.60
N GLY A 231 9.36 -22.78 -10.45
CA GLY A 231 9.96 -22.01 -11.53
C GLY A 231 10.56 -20.70 -11.06
N ALA A 232 11.31 -20.06 -11.96
CA ALA A 232 11.85 -18.73 -11.71
C ALA A 232 10.79 -17.63 -11.89
N ILE A 233 10.83 -16.64 -10.99
CA ILE A 233 10.00 -15.49 -11.14
C ILE A 233 10.71 -14.50 -12.04
N ASN A 234 9.96 -13.83 -12.91
CA ASN A 234 10.55 -12.76 -13.68
C ASN A 234 10.21 -11.37 -13.12
N THR A 235 11.19 -10.47 -13.06
CA THR A 235 10.92 -9.13 -12.49
C THR A 235 9.91 -8.34 -13.30
N ALA A 236 9.80 -8.64 -14.61
CA ALA A 236 8.92 -7.86 -15.52
C ALA A 236 9.34 -6.38 -15.68
N LEU A 237 10.09 -5.87 -14.73
CA LEU A 237 10.59 -4.52 -14.78
C LEU A 237 12.09 -4.52 -14.78
N ASP A 238 12.68 -3.36 -14.99
CA ASP A 238 14.05 -3.16 -14.70
C ASP A 238 14.25 -1.77 -14.14
N GLY A 239 15.51 -1.38 -13.95
CA GLY A 239 15.78 -0.21 -13.14
C GLY A 239 15.67 -0.54 -11.65
N LYS A 240 15.25 0.43 -10.86
CA LYS A 240 15.13 0.23 -9.43
C LYS A 240 13.86 -0.55 -9.14
N ILE A 241 14.02 -1.68 -8.49
CA ILE A 241 12.88 -2.53 -8.16
C ILE A 241 12.94 -2.93 -6.71
N LYS A 242 11.80 -3.36 -6.19
CA LYS A 242 11.73 -3.91 -4.85
C LYS A 242 10.98 -5.26 -4.89
N ILE A 243 11.63 -6.29 -4.40
CA ILE A 243 11.07 -7.63 -4.41
C ILE A 243 10.59 -7.93 -2.99
N SER A 244 9.30 -8.22 -2.83
CA SER A 244 8.75 -8.52 -1.49
C SER A 244 8.26 -9.93 -1.41
N PHE A 245 8.49 -10.56 -0.27
CA PHE A 245 8.15 -11.96 -0.07
C PHE A 245 7.46 -12.11 1.31
N ASP A 246 6.19 -12.51 1.28
CA ASP A 246 5.39 -12.70 2.50
C ASP A 246 5.42 -14.17 2.87
N ALA A 247 6.18 -14.49 3.89
CA ALA A 247 6.44 -15.88 4.20
C ALA A 247 5.38 -16.47 5.14
N PHE A 248 4.26 -15.77 5.30
CA PHE A 248 3.11 -16.33 6.00
C PHE A 248 1.99 -16.68 5.01
N ASN A 249 1.63 -15.71 4.17
CA ASN A 249 0.72 -15.93 3.04
C ASN A 249 1.35 -16.56 1.80
N TYR A 250 2.69 -16.65 1.78
CA TYR A 250 3.48 -17.15 0.59
C TYR A 250 3.10 -16.48 -0.73
N ARG A 251 3.35 -15.20 -0.78
CA ARG A 251 3.08 -14.42 -1.96
C ARG A 251 4.30 -13.54 -2.18
N PHE A 252 4.48 -13.07 -3.42
CA PHE A 252 5.57 -12.17 -3.74
C PHE A 252 5.03 -11.05 -4.60
N THR A 253 5.62 -9.86 -4.47
CA THR A 253 5.47 -8.83 -5.49
C THR A 253 6.86 -8.35 -5.95
N VAL A 254 6.91 -7.85 -7.17
CA VAL A 254 8.03 -7.09 -7.65
C VAL A 254 7.50 -5.76 -8.14
N LYS A 255 7.98 -4.66 -7.54
CA LYS A 255 7.40 -3.36 -7.76
C LYS A 255 8.47 -2.34 -8.19
N ASP A 256 8.06 -1.40 -9.04
CA ASP A 256 8.88 -0.25 -9.43
C ASP A 256 9.29 0.53 -8.16
N ASN A 257 10.59 0.73 -7.98
CA ASN A 257 11.07 1.35 -6.75
C ASN A 257 11.77 2.68 -7.01
N SER A 258 11.52 3.26 -8.19
CA SER A 258 12.07 4.57 -8.51
C SER A 258 11.12 5.61 -7.94
N ALA A 259 11.59 6.83 -7.79
CA ALA A 259 10.82 7.89 -7.14
C ALA A 259 11.25 9.22 -7.72
N PRO A 260 10.33 10.17 -7.84
CA PRO A 260 10.73 11.56 -8.18
C PRO A 260 11.70 12.15 -7.11
N THR A 261 12.65 12.96 -7.54
CA THR A 261 13.55 13.66 -6.65
C THR A 261 13.07 15.11 -6.36
N GLU A 262 12.17 15.60 -7.20
CA GLU A 262 11.49 16.87 -6.93
C GLU A 262 10.01 16.71 -7.13
N LEU A 263 9.24 17.63 -6.57
CA LEU A 263 7.78 17.60 -6.72
C LEU A 263 7.20 19.01 -6.63
N TYR A 264 6.20 19.27 -7.46
CA TYR A 264 5.64 20.61 -7.60
C TYR A 264 4.13 20.51 -7.61
N MET A 265 3.49 21.51 -7.02
CA MET A 265 2.05 21.62 -6.97
C MET A 265 1.60 22.81 -7.79
N THR A 266 0.61 22.58 -8.65
CA THR A 266 -0.14 23.64 -9.27
C THR A 266 -1.62 23.43 -8.97
N GLY A 267 -2.48 24.25 -9.59
CA GLY A 267 -3.79 24.52 -9.04
C GLY A 267 -4.62 25.49 -9.84
N SER A 268 -5.93 25.45 -9.59
CA SER A 268 -6.83 26.52 -10.03
C SER A 268 -6.35 27.89 -9.54
N ALA A 269 -5.96 27.97 -8.28
CA ALA A 269 -5.41 29.21 -7.72
C ALA A 269 -4.02 29.62 -8.28
N TYR A 270 -3.50 28.85 -9.25
CA TYR A 270 -2.14 29.11 -9.80
C TYR A 270 -2.14 29.09 -11.30
N ASN A 271 -3.32 29.33 -11.88
CA ASN A 271 -3.44 29.42 -13.31
C ASN A 271 -3.26 28.09 -14.01
N TRP A 272 -3.62 27.00 -13.33
CA TRP A 272 -3.35 25.64 -13.85
C TRP A 272 -2.00 25.50 -14.61
N GLY A 273 -0.92 25.99 -14.00
CA GLY A 273 0.44 25.63 -14.44
C GLY A 273 0.94 26.35 -15.68
N THR A 274 0.27 27.43 -16.06
CA THR A 274 0.73 28.26 -17.20
C THR A 274 1.34 29.56 -16.67
N PRO A 275 2.56 29.90 -17.15
CA PRO A 275 3.34 29.06 -18.05
C PRO A 275 4.25 28.02 -17.32
N ALA A 276 4.76 27.03 -18.05
CA ALA A 276 5.70 26.07 -17.49
C ALA A 276 6.87 26.81 -16.81
N GLY A 277 7.47 26.17 -15.81
CA GLY A 277 8.69 26.71 -15.18
C GLY A 277 8.46 27.91 -14.28
N ASP A 278 7.29 28.50 -14.34
CA ASP A 278 7.04 29.72 -13.60
C ASP A 278 6.79 29.48 -12.10
N PRO A 279 7.71 29.95 -11.25
CA PRO A 279 7.50 29.84 -9.79
C PRO A 279 6.16 30.45 -9.41
N ASN A 280 5.53 31.13 -10.36
CA ASN A 280 4.21 31.69 -10.15
C ASN A 280 3.11 30.64 -10.35
N ALA A 281 3.30 29.75 -11.30
CA ALA A 281 2.34 28.70 -11.57
C ALA A 281 2.62 27.37 -10.80
N TRP A 282 3.88 27.18 -10.35
CA TRP A 282 4.33 25.85 -9.80
C TRP A 282 5.05 26.03 -8.49
N LYS A 283 4.53 25.42 -7.42
CA LYS A 283 5.13 25.54 -6.10
C LYS A 283 5.95 24.30 -5.77
N ALA A 284 7.23 24.47 -5.53
CA ALA A 284 8.11 23.36 -5.10
C ALA A 284 7.71 22.88 -3.70
N LEU A 285 7.56 21.56 -3.53
CA LEU A 285 7.56 20.99 -2.16
C LEU A 285 8.97 20.65 -1.69
N VAL A 286 9.10 20.38 -0.40
CA VAL A 286 10.40 20.20 0.21
C VAL A 286 10.65 18.70 0.42
N PRO A 287 11.79 18.17 -0.12
CA PRO A 287 12.02 16.73 0.14
C PRO A 287 12.20 16.43 1.64
N VAL A 288 11.59 15.35 2.11
CA VAL A 288 11.90 14.84 3.44
C VAL A 288 13.29 14.17 3.44
N ASN A 289 14.11 14.49 4.45
CA ASN A 289 15.53 14.12 4.46
C ASN A 289 15.72 12.61 4.41
N GLY A 290 16.48 12.15 3.42
CA GLY A 290 16.89 10.75 3.30
C GLY A 290 15.71 9.85 3.06
N THR A 291 14.59 10.41 2.62
CA THR A 291 13.36 9.63 2.58
C THR A 291 12.76 9.64 1.19
N LYS A 292 12.99 8.54 0.49
CA LYS A 292 12.68 8.36 -0.94
C LYS A 292 11.28 8.88 -1.36
N GLY A 293 11.26 9.80 -2.30
CA GLY A 293 10.01 10.13 -3.00
C GLY A 293 8.98 10.83 -2.08
N THR A 294 9.43 11.38 -0.97
N THR A 294 9.45 11.40 -0.99
CA THR A 294 8.53 12.01 -0.04
CA THR A 294 8.59 11.89 0.06
C THR A 294 8.84 13.48 0.19
N PHE A 295 7.77 14.29 0.30
CA PHE A 295 7.86 15.75 0.18
C PHE A 295 6.81 16.38 1.08
N TRP A 296 7.00 17.64 1.41
CA TRP A 296 6.05 18.38 2.22
C TRP A 296 6.07 19.88 1.90
N GLY A 297 4.98 20.56 2.25
CA GLY A 297 4.95 22.00 2.17
C GLY A 297 3.88 22.53 3.08
N ILE A 298 3.99 23.80 3.44
CA ILE A 298 2.87 24.49 4.10
C ILE A 298 2.25 25.52 3.20
N PHE A 299 0.96 25.33 2.93
CA PHE A 299 0.29 26.04 1.84
C PHE A 299 -1.07 26.55 2.33
N TYR A 300 -1.57 27.61 1.67
CA TYR A 300 -2.90 28.12 1.97
C TYR A 300 -3.86 27.58 0.99
N PHE A 301 -4.95 26.98 1.47
CA PHE A 301 -6.04 26.60 0.55
C PHE A 301 -7.36 27.31 0.93
N ALA A 302 -7.90 28.02 -0.03
CA ALA A 302 -9.32 28.45 -0.02
C ALA A 302 -10.26 27.25 -0.10
N ALA A 303 -11.56 27.49 0.03
CA ALA A 303 -12.54 26.45 -0.19
C ALA A 303 -12.78 26.31 -1.68
N ASN A 304 -12.72 25.08 -2.18
CA ASN A 304 -12.93 24.78 -3.61
C ASN A 304 -11.73 25.01 -4.52
N ASP A 305 -10.59 25.38 -3.94
CA ASP A 305 -9.32 25.29 -4.67
C ASP A 305 -9.11 23.85 -5.18
N GLN A 306 -8.70 23.71 -6.43
CA GLN A 306 -8.26 22.40 -6.95
C GLN A 306 -6.77 22.40 -7.21
N VAL A 307 -6.11 21.29 -6.91
CA VAL A 307 -4.67 21.17 -7.15
C VAL A 307 -4.27 19.85 -7.81
N LYS A 308 -3.10 19.84 -8.44
CA LYS A 308 -2.46 18.58 -8.87
C LYS A 308 -0.92 18.68 -8.64
N PHE A 309 -0.23 17.56 -8.70
CA PHE A 309 1.19 17.49 -8.39
C PHE A 309 1.92 16.89 -9.56
N ALA A 310 3.19 17.27 -9.75
CA ALA A 310 4.00 16.76 -10.88
C ALA A 310 5.48 16.69 -10.50
N PRO A 311 6.26 15.87 -11.21
CA PRO A 311 7.64 15.70 -10.86
C PRO A 311 8.56 16.76 -11.51
N GLN A 312 7.98 17.68 -12.29
CA GLN A 312 8.68 18.88 -12.71
C GLN A 312 7.64 20.01 -12.70
N ALA A 313 8.11 21.25 -12.96
CA ALA A 313 7.25 22.44 -12.93
C ALA A 313 6.51 22.55 -14.27
N ASN A 314 5.71 21.52 -14.58
CA ASN A 314 5.05 21.41 -15.86
C ASN A 314 4.18 20.16 -15.86
N TRP A 315 3.27 20.07 -16.85
CA TRP A 315 2.37 18.90 -16.94
C TRP A 315 3.14 17.70 -17.46
N GLY A 316 2.73 16.50 -17.07
CA GLY A 316 3.43 15.27 -17.50
C GLY A 316 3.74 14.38 -16.31
N ASN A 317 3.13 13.20 -16.28
CA ASN A 317 3.22 12.31 -15.11
C ASN A 317 2.67 12.98 -13.86
N ASP A 318 1.71 13.85 -14.05
CA ASP A 318 1.09 14.56 -12.95
C ASP A 318 -0.04 13.72 -12.33
N PHE A 319 -0.41 14.04 -11.10
CA PHE A 319 -1.50 13.34 -10.44
C PHE A 319 -2.24 14.29 -9.50
N GLY A 320 -3.47 13.93 -9.16
CA GLY A 320 -4.29 14.75 -8.29
C GLY A 320 -4.89 13.91 -7.18
N PHE A 321 -6.21 13.72 -7.23
CA PHE A 321 -6.87 12.81 -6.30
C PHE A 321 -6.36 11.37 -6.52
N VAL A 322 -5.93 10.71 -5.44
CA VAL A 322 -5.46 9.35 -5.50
C VAL A 322 -6.15 8.52 -4.41
N ASP A 323 -5.91 7.22 -4.40
CA ASP A 323 -6.65 6.34 -3.49
C ASP A 323 -6.16 6.34 -2.04
N ALA A 324 -4.85 6.44 -1.81
CA ALA A 324 -4.34 6.39 -0.43
C ALA A 324 -4.35 7.78 0.21
N ILE A 325 -5.56 8.29 0.47
CA ILE A 325 -5.73 9.48 1.30
C ILE A 325 -6.53 9.11 2.56
N SER A 326 -5.85 9.14 3.69
CA SER A 326 -6.48 9.14 5.00
C SER A 326 -7.95 9.59 4.98
N GLN A 327 -8.79 8.91 5.77
CA GLN A 327 -10.10 9.48 6.15
C GLN A 327 -9.90 10.76 6.99
N GLU A 328 -8.90 10.73 7.88
CA GLU A 328 -8.46 11.94 8.62
C GLU A 328 -8.27 13.12 7.70
N SER A 329 -7.42 12.96 6.69
CA SER A 329 -7.12 14.03 5.80
C SER A 329 -8.40 14.53 5.22
N LYS A 330 -9.21 13.58 4.79
CA LYS A 330 -10.40 13.92 4.01
C LYS A 330 -11.35 14.73 4.89
N ASP A 331 -11.43 14.35 6.16
CA ASP A 331 -12.24 15.05 7.14
C ASP A 331 -11.65 16.39 7.50
N LEU A 332 -10.35 16.39 7.82
CA LEU A 332 -9.70 17.62 8.27
C LEU A 332 -9.84 18.75 7.24
N ALA A 333 -9.66 18.42 5.97
CA ALA A 333 -9.56 19.46 4.95
C ALA A 333 -10.72 19.44 3.98
N GLY A 334 -11.61 18.48 4.18
CA GLY A 334 -12.78 18.35 3.33
C GLY A 334 -12.42 17.99 1.91
N LEU A 335 -11.52 17.01 1.75
CA LEU A 335 -10.93 16.72 0.42
C LEU A 335 -11.89 15.89 -0.44
N SER A 336 -11.89 16.11 -1.74
CA SER A 336 -12.61 15.22 -2.63
C SER A 336 -12.03 15.18 -4.02
N ASP A 337 -12.61 14.30 -4.85
CA ASP A 337 -12.15 14.10 -6.20
C ASP A 337 -13.02 14.94 -7.12
N GLU A 338 -12.39 15.67 -8.01
CA GLU A 338 -13.12 16.51 -8.93
C GLU A 338 -12.54 16.38 -10.32
N GLY A 339 -13.02 15.38 -11.06
CA GLY A 339 -12.45 15.00 -12.36
C GLY A 339 -10.96 14.64 -12.27
N GLY A 340 -10.56 14.02 -11.15
CA GLY A 340 -9.17 13.57 -10.98
C GLY A 340 -8.28 14.64 -10.37
N ASN A 341 -8.78 15.87 -10.32
CA ASN A 341 -8.17 16.92 -9.52
C ASN A 341 -8.40 16.64 -8.07
N LEU A 342 -7.50 17.11 -7.22
CA LEU A 342 -7.75 17.13 -5.80
C LEU A 342 -8.38 18.45 -5.35
N LYS A 343 -9.56 18.35 -4.77
CA LYS A 343 -10.33 19.53 -4.38
C LYS A 343 -10.31 19.69 -2.87
N VAL A 344 -9.93 20.87 -2.41
CA VAL A 344 -9.90 21.13 -1.01
C VAL A 344 -11.19 21.87 -0.65
N GLY A 345 -11.90 21.39 0.36
CA GLY A 345 -13.25 21.90 0.65
C GLY A 345 -13.29 22.94 1.76
N ILE A 346 -12.45 22.75 2.78
CA ILE A 346 -12.36 23.62 3.93
C ILE A 346 -11.11 24.55 3.84
N ALA A 347 -11.33 25.87 3.75
CA ALA A 347 -10.22 26.83 3.61
C ALA A 347 -9.30 26.78 4.81
N GLY A 348 -8.01 27.02 4.60
CA GLY A 348 -7.05 27.06 5.71
C GLY A 348 -5.61 26.80 5.29
N TRP A 349 -4.70 26.98 6.24
CA TRP A 349 -3.31 26.54 6.11
C TRP A 349 -3.21 25.06 6.44
N TYR A 350 -2.52 24.32 5.58
CA TYR A 350 -2.31 22.88 5.80
C TYR A 350 -0.85 22.50 5.55
N LEU A 351 -0.31 21.64 6.39
CA LEU A 351 0.87 20.83 6.03
C LEU A 351 0.48 19.72 5.06
N VAL A 352 0.89 19.88 3.81
CA VAL A 352 0.67 18.88 2.80
C VAL A 352 1.86 17.89 2.76
N TYR A 353 1.55 16.61 2.86
CA TYR A 353 2.56 15.56 2.80
C TYR A 353 2.27 14.60 1.63
N VAL A 354 3.27 14.41 0.74
CA VAL A 354 3.08 13.63 -0.49
C VAL A 354 4.21 12.57 -0.64
N SER A 355 3.84 11.35 -0.97
CA SER A 355 4.83 10.29 -1.15
C SER A 355 4.56 9.57 -2.48
N VAL A 356 5.60 9.36 -3.27
CA VAL A 356 5.47 8.75 -4.61
C VAL A 356 6.61 7.76 -4.78
N ILE A 357 6.30 6.48 -4.81
CA ILE A 357 7.29 5.51 -5.17
C ILE A 357 6.76 4.61 -6.25
N GLY A 358 7.43 4.60 -7.39
CA GLY A 358 6.94 3.95 -8.57
C GLY A 358 5.53 4.40 -8.90
N ASP A 359 4.58 3.48 -8.72
CA ASP A 359 3.16 3.73 -9.01
C ASP A 359 2.35 4.22 -7.80
N ASP A 360 2.77 3.79 -6.60
CA ASP A 360 2.03 4.10 -5.34
C ASP A 360 2.15 5.59 -4.97
N LYS A 361 1.01 6.24 -4.77
CA LYS A 361 0.98 7.60 -4.30
C LYS A 361 0.21 7.73 -2.97
N VAL A 362 0.72 8.56 -2.07
CA VAL A 362 -0.01 8.94 -0.85
C VAL A 362 -0.03 10.47 -0.73
N ILE A 363 -1.21 11.04 -0.47
CA ILE A 363 -1.32 12.47 -0.17
C ILE A 363 -2.00 12.64 1.17
N GLU A 364 -1.36 13.34 2.11
CA GLU A 364 -1.97 13.67 3.41
C GLU A 364 -2.05 15.19 3.61
N PHE A 365 -3.19 15.66 4.13
CA PHE A 365 -3.30 17.01 4.71
C PHE A 365 -3.35 16.94 6.20
N GLU A 366 -2.56 17.77 6.85
CA GLU A 366 -2.40 17.72 8.30
C GLU A 366 -2.46 19.12 8.92
N LYS A 367 -2.58 19.19 10.23
CA LYS A 367 -2.53 20.49 10.90
C LYS A 367 -1.16 21.13 10.60
N PRO A 368 -1.15 22.43 10.23
CA PRO A 368 0.10 23.17 9.98
C PRO A 368 0.82 23.51 11.27
N ASN A 369 1.24 22.48 12.01
CA ASN A 369 1.92 22.68 13.29
C ASN A 369 3.42 22.90 13.11
N VAL A 370 3.85 24.14 13.30
CA VAL A 370 5.28 24.48 13.23
C VAL A 370 5.79 24.64 14.64
N TYR A 371 6.98 24.11 14.91
CA TYR A 371 7.48 24.04 16.27
C TYR A 371 8.83 24.71 16.45
N LEU A 372 8.97 25.44 17.55
CA LEU A 372 10.26 25.87 18.05
C LEU A 372 10.96 24.71 18.73
N MET A 373 12.24 24.53 18.40
CA MET A 373 13.02 23.44 18.99
C MET A 373 14.32 23.98 19.56
N GLY A 374 14.86 23.25 20.52
CA GLY A 374 16.20 23.47 20.98
C GLY A 374 16.21 24.53 22.05
N ASP A 375 17.23 25.36 22.04
CA ASP A 375 17.70 25.97 23.27
C ASP A 375 16.78 27.12 23.68
N THR A 376 16.17 27.75 22.69
CA THR A 376 15.31 28.88 22.93
C THR A 376 13.86 28.49 23.22
N SER A 377 13.61 27.20 23.40
CA SER A 377 12.22 26.67 23.52
C SER A 377 11.95 26.11 24.95
N TYR A 378 10.75 25.56 25.17
CA TYR A 378 10.29 25.20 26.54
C TYR A 378 11.02 23.99 27.18
N ASN A 379 11.65 24.22 28.33
CA ASN A 379 12.56 23.24 28.92
C ASN A 379 13.63 22.77 27.90
N GLY A 380 13.89 23.60 26.90
CA GLY A 380 15.00 23.36 25.97
C GLY A 380 14.77 22.13 25.12
N TRP A 381 15.81 21.30 25.01
CA TRP A 381 15.76 20.08 24.21
C TRP A 381 14.98 19.01 24.96
N ASP A 382 14.60 19.33 26.19
CA ASP A 382 14.11 18.31 27.09
C ASP A 382 12.60 18.08 26.95
N ALA A 383 11.91 19.08 26.44
CA ALA A 383 10.55 18.89 25.97
C ALA A 383 10.51 19.28 24.52
N GLN A 384 10.15 18.30 23.67
CA GLN A 384 10.24 18.47 22.21
C GLN A 384 8.88 18.31 21.54
N LEU A 385 8.59 19.19 20.61
CA LEU A 385 7.34 19.13 19.84
C LEU A 385 6.11 19.28 20.76
N VAL A 386 6.25 20.06 21.83
CA VAL A 386 5.17 20.20 22.80
C VAL A 386 4.36 21.43 22.54
N GLU A 387 3.19 21.49 23.18
CA GLU A 387 2.19 22.55 22.93
C GLU A 387 2.76 23.98 23.06
N GLN A 388 3.64 24.19 24.03
CA GLN A 388 4.23 25.52 24.27
C GLN A 388 5.16 25.97 23.15
N ASP A 389 5.77 25.00 22.47
CA ASP A 389 6.73 25.30 21.41
C ASP A 389 6.04 25.47 20.05
N LEU A 390 4.70 25.42 20.08
CA LEU A 390 3.89 25.56 18.86
C LEU A 390 3.78 27.00 18.36
N PHE A 391 3.88 27.22 17.06
CA PHE A 391 3.75 28.56 16.51
C PHE A 391 2.26 28.84 16.36
N THR A 392 1.84 30.06 16.69
CA THR A 392 0.51 30.52 16.32
C THR A 392 0.34 30.52 14.81
N VAL A 393 -0.88 30.20 14.36
CA VAL A 393 -1.22 30.09 12.94
C VAL A 393 -2.05 31.31 12.45
N PRO A 394 -1.62 31.94 11.35
CA PRO A 394 -2.37 33.07 10.87
C PRO A 394 -3.76 32.66 10.32
N GLY A 395 -4.73 33.61 10.42
CA GLY A 395 -6.03 33.47 9.75
C GLY A 395 -6.03 33.93 8.30
N THR A 396 -5.11 34.82 7.95
CA THR A 396 -5.07 35.35 6.59
C THR A 396 -4.26 34.48 5.66
N ALA A 397 -4.44 34.71 4.36
CA ALA A 397 -3.73 33.95 3.32
C ALA A 397 -2.32 34.49 3.12
N ASP A 398 -1.95 35.49 3.91
CA ASP A 398 -0.64 36.12 3.75
C ASP A 398 -0.05 36.59 5.03
N GLY A 399 -0.57 36.05 6.14
CA GLY A 399 -0.02 36.38 7.45
C GLY A 399 1.16 35.50 7.79
N GLU A 400 1.42 35.35 9.09
CA GLU A 400 2.69 34.86 9.55
C GLU A 400 2.50 33.97 10.74
N PHE A 401 3.12 32.80 10.70
CA PHE A 401 3.23 31.99 11.89
C PHE A 401 4.24 32.68 12.81
N VAL A 402 3.98 32.65 14.11
CA VAL A 402 4.85 33.32 15.06
C VAL A 402 5.12 32.42 16.22
N SER A 403 6.40 32.31 16.58
CA SER A 403 6.83 31.45 17.67
C SER A 403 6.56 32.08 19.02
N PRO A 404 6.56 31.26 20.07
CA PRO A 404 6.66 31.68 21.48
C PRO A 404 7.99 32.37 21.75
N ALA A 405 7.96 33.55 22.36
CA ALA A 405 9.19 34.33 22.60
C ALA A 405 10.31 33.46 23.20
N PHE A 406 11.54 33.67 22.76
CA PHE A 406 12.67 32.85 23.27
C PHE A 406 12.82 32.97 24.80
N LEU A 407 13.00 31.83 25.46
CA LEU A 407 13.22 31.79 26.90
C LEU A 407 14.68 32.03 27.30
N LYS A 408 15.57 31.99 26.29
CA LYS A 408 17.02 32.01 26.52
C LYS A 408 17.72 32.39 25.23
N ASP A 409 18.93 32.89 25.35
CA ASP A 409 19.81 32.97 24.19
C ASP A 409 20.19 31.56 23.78
N GLY A 410 20.30 31.35 22.47
CA GLY A 410 20.74 30.06 21.96
C GLY A 410 20.53 29.94 20.48
N ALA A 411 20.92 28.80 19.91
CA ALA A 411 20.69 28.52 18.49
C ALA A 411 19.22 28.22 18.27
N VAL A 412 18.62 28.90 17.29
CA VAL A 412 17.24 28.65 16.88
C VAL A 412 17.16 27.39 16.01
N ARG A 413 16.26 26.48 16.35
CA ARG A 413 15.83 25.44 15.45
C ARG A 413 14.29 25.48 15.27
N ILE A 414 13.84 25.21 14.05
CA ILE A 414 12.40 25.18 13.73
C ILE A 414 12.10 23.91 12.92
N CYS A 415 10.95 23.29 13.17
CA CYS A 415 10.50 22.17 12.33
C CYS A 415 8.98 22.06 12.18
N VAL A 416 8.57 21.23 11.21
CA VAL A 416 7.31 20.49 11.30
C VAL A 416 7.62 19.03 11.61
N ASN A 417 6.58 18.23 11.83
CA ASN A 417 6.75 16.80 12.00
C ASN A 417 5.48 16.07 11.51
N PRO A 418 5.49 15.60 10.25
CA PRO A 418 4.33 14.83 9.74
C PRO A 418 4.04 13.54 10.52
N LYS A 419 2.78 13.09 10.46
CA LYS A 419 2.39 11.83 11.09
C LYS A 419 3.35 10.73 10.75
N ALA A 420 3.62 10.59 9.46
CA ALA A 420 4.39 9.43 8.95
C ALA A 420 5.83 9.39 9.48
N VAL A 421 6.32 10.53 10.00
CA VAL A 421 7.72 10.61 10.47
C VAL A 421 7.79 10.59 12.01
N SER A 422 8.66 9.76 12.56
N SER A 422 8.63 9.73 12.56
CA SER A 422 8.77 9.65 14.01
CA SER A 422 8.78 9.63 14.00
C SER A 422 9.27 10.96 14.64
C SER A 422 9.17 11.02 14.60
N ALA A 423 8.88 11.21 15.89
CA ALA A 423 9.24 12.48 16.56
C ALA A 423 10.76 12.61 16.70
N GLY A 424 11.43 11.49 16.94
CA GLY A 424 12.88 11.44 16.94
C GLY A 424 13.49 12.01 15.66
N ASP A 425 12.74 11.91 14.56
CA ASP A 425 13.21 12.35 13.25
C ASP A 425 12.59 13.68 12.84
N TRP A 426 12.31 14.52 13.82
CA TRP A 426 11.82 15.89 13.55
C TRP A 426 12.77 16.63 12.61
N TRP A 427 14.07 16.33 12.69
CA TRP A 427 15.07 17.12 11.94
C TRP A 427 15.04 16.78 10.43
N LYS A 428 14.32 15.72 10.07
CA LYS A 428 14.13 15.40 8.65
C LYS A 428 13.30 16.43 7.89
N THR A 429 12.58 17.26 8.64
CA THR A 429 11.76 18.30 8.06
C THR A 429 11.96 19.59 8.84
N GLU A 430 13.18 20.08 8.83
CA GLU A 430 13.48 21.28 9.57
C GLU A 430 13.97 22.36 8.66
N PHE A 431 13.97 23.58 9.17
CA PHE A 431 14.39 24.72 8.41
C PHE A 431 14.75 25.88 9.33
N ILE A 432 15.20 26.95 8.72
CA ILE A 432 15.68 28.13 9.47
C ILE A 432 15.55 29.36 8.53
N ILE A 433 15.91 30.54 9.02
CA ILE A 433 15.96 31.76 8.18
C ILE A 433 17.41 32.23 7.99
N PHE A 434 17.80 32.47 6.73
CA PHE A 434 19.07 33.17 6.42
C PHE A 434 18.72 34.33 5.52
N ASP A 435 19.17 35.53 5.92
CA ASP A 435 18.95 36.75 5.12
C ASP A 435 17.47 36.98 4.79
N GLY A 436 16.58 36.80 5.76
CA GLY A 436 15.14 37.06 5.56
C GLY A 436 14.47 36.14 4.52
N GLN A 437 15.11 35.01 4.21
CA GLN A 437 14.46 33.92 3.49
C GLN A 437 14.26 32.64 4.35
N ILE A 438 13.18 31.90 4.10
CA ILE A 438 13.10 30.56 4.69
C ILE A 438 14.02 29.62 3.94
N ALA A 439 15.02 29.09 4.65
CA ALA A 439 15.94 28.08 4.07
C ALA A 439 15.61 26.71 4.64
N TYR A 440 15.12 25.84 3.76
CA TYR A 440 14.80 24.48 4.14
C TYR A 440 16.07 23.62 4.16
N ARG A 441 16.17 22.78 5.18
CA ARG A 441 17.28 21.84 5.23
C ARG A 441 17.16 20.84 4.10
N GLY A 442 15.97 20.27 3.91
CA GLY A 442 15.77 19.30 2.86
C GLY A 442 16.62 18.06 3.07
N ASN A 443 17.33 17.65 2.02
CA ASN A 443 18.28 16.51 2.09
C ASN A 443 19.67 16.83 2.63
N GLY A 444 19.91 18.09 2.99
CA GLY A 444 21.25 18.54 3.36
C GLY A 444 21.53 18.19 4.81
N GLY A 445 22.76 18.44 5.26
CA GLY A 445 23.15 18.20 6.67
C GLY A 445 22.70 19.34 7.58
N ASP A 446 23.23 19.36 8.80
CA ASP A 446 22.87 20.42 9.73
C ASP A 446 23.14 21.74 9.06
N GLN A 447 22.25 22.70 9.26
CA GLN A 447 22.42 24.04 8.74
C GLN A 447 23.32 24.86 9.64
N ALA A 448 23.94 25.87 9.07
CA ALA A 448 24.71 26.84 9.88
C ALA A 448 23.85 27.47 10.95
N ALA A 449 24.40 27.55 12.16
CA ALA A 449 23.63 27.92 13.34
C ALA A 449 23.17 29.38 13.21
N VAL A 450 21.95 29.66 13.67
CA VAL A 450 21.42 31.05 13.69
C VAL A 450 20.99 31.39 15.11
N GLN A 451 21.62 32.41 15.70
CA GLN A 451 21.44 32.75 17.13
C GLN A 451 20.19 33.61 17.32
N GLY A 452 19.49 33.37 18.41
CA GLY A 452 18.47 34.31 18.88
C GLY A 452 18.72 34.69 20.31
N LYS A 453 18.06 35.75 20.77
CA LYS A 453 18.17 36.20 22.19
C LYS A 453 16.84 36.13 22.92
N THR A 454 16.91 35.97 24.23
CA THR A 454 15.71 35.95 25.07
C THR A 454 14.66 36.93 24.62
N GLY A 455 13.40 36.47 24.65
CA GLY A 455 12.26 37.33 24.38
C GLY A 455 12.09 37.71 22.93
N GLN A 456 13.04 37.33 22.09
CA GLN A 456 12.82 37.38 20.64
C GLN A 456 11.84 36.28 20.20
N LYS A 457 11.39 36.37 18.96
CA LYS A 457 10.58 35.31 18.36
C LYS A 457 10.76 35.25 16.83
N VAL A 458 10.38 34.13 16.22
CA VAL A 458 10.50 33.96 14.73
C VAL A 458 9.22 34.37 14.01
N TYR A 459 9.36 34.98 12.82
CA TYR A 459 8.21 35.27 11.96
C TYR A 459 8.37 34.62 10.58
N LEU A 460 7.37 33.83 10.17
CA LEU A 460 7.46 33.11 8.89
C LEU A 460 6.32 33.48 7.98
N ASN A 461 6.66 33.90 6.77
CA ASN A 461 5.68 34.00 5.73
C ASN A 461 5.87 32.91 4.70
N PHE A 462 5.08 31.84 4.82
CA PHE A 462 5.24 30.71 3.94
C PHE A 462 4.79 31.01 2.56
N GLY A 463 3.88 31.97 2.43
CA GLY A 463 3.42 32.40 1.10
C GLY A 463 4.54 33.09 0.35
N ASN A 464 5.34 33.86 1.09
CA ASN A 464 6.44 34.63 0.52
C ASN A 464 7.72 33.80 0.42
N GLY A 465 7.95 32.99 1.46
CA GLY A 465 9.22 32.29 1.61
C GLY A 465 10.20 33.14 2.37
N THR A 466 9.68 34.06 3.17
CA THR A 466 10.53 35.02 3.86
C THR A 466 10.31 34.84 5.30
N GLY A 467 11.22 35.37 6.10
CA GLY A 467 11.01 35.37 7.55
C GLY A 467 11.99 36.27 8.27
N ARG A 468 11.80 36.39 9.58
CA ARG A 468 12.60 37.31 10.40
C ARG A 468 12.74 36.66 11.74
N ILE A 469 13.84 36.98 12.43
CA ILE A 469 13.90 36.80 13.89
C ILE A 469 14.02 38.14 14.61
N GLU A 470 13.18 38.35 15.64
CA GLU A 470 13.00 39.68 16.28
C GLU A 470 12.42 39.58 17.70
#